data_3K2S
#
_entry.id   3K2S
#
_cell.length_a   1.000
_cell.length_b   1.000
_cell.length_c   1.000
_cell.angle_alpha   90.00
_cell.angle_beta   90.00
_cell.angle_gamma   90.00
#
_symmetry.space_group_name_H-M   'P 1'
#
loop_
_entity.id
_entity.type
_entity.pdbx_description
1 polymer 'Apolipoprotein A-I'
2 non-polymer '(2S)-3-(hexadecanoyloxy)-2-[(9Z)-octadec-9-enoyloxy]propyl 2-(trimethylammonio)ethyl phosphate'
3 non-polymer CHOLESTEROL
#
_entity_poly.entity_id   1
_entity_poly.type   'polypeptide(L)'
_entity_poly.pdbx_seq_one_letter_code
;DEPPQSPWDRVKDLATVYVDVLKDSGRDYVSQFEGSALGKQLNLKLLDNWDSVTSTFSKLREQLGPVTQEFWDNLEKETE
GLRQEMSKDLEEVKAKVQPYLDDFQKKWQEEMELYRQKVEPLRAELQEGARQKLHELQEKLSPLGEEMRDRARAHVDALR
THLAPYSDELRQRLAARLEALKENGGARLAEYHAKATEHLSTLSEKAKPALEDLRQGLLPVLESFKVSFLSALEEYTKKL
NTQ
;
_entity_poly.pdbx_strand_id   A,B
#
# COMPACT_ATOMS: atom_id res chain seq x y z
N ASP A 1 -56.13 15.72 -36.74
CA ASP A 1 -56.46 14.74 -35.70
C ASP A 1 -55.45 14.71 -34.55
N GLU A 2 -54.84 13.56 -34.23
CA GLU A 2 -54.42 13.25 -32.87
C GLU A 2 -52.89 13.41 -32.58
N PRO A 3 -52.47 14.22 -31.59
CA PRO A 3 -51.12 14.32 -30.98
C PRO A 3 -50.33 13.01 -30.61
N PRO A 4 -49.01 13.10 -30.30
CA PRO A 4 -48.03 11.99 -30.19
C PRO A 4 -48.35 10.66 -29.46
N GLN A 5 -49.14 10.65 -28.39
CA GLN A 5 -49.31 9.46 -27.52
C GLN A 5 -50.71 9.26 -26.93
N SER A 6 -51.14 10.14 -25.99
CA SER A 6 -52.44 10.07 -25.30
C SER A 6 -53.70 9.78 -26.18
N PRO A 7 -53.93 10.54 -27.29
CA PRO A 7 -55.02 10.26 -28.24
C PRO A 7 -54.66 9.17 -29.29
N TRP A 8 -54.16 8.01 -28.84
CA TRP A 8 -53.85 6.81 -29.66
C TRP A 8 -55.10 6.04 -30.19
N ASP A 9 -56.33 6.38 -29.73
CA ASP A 9 -57.64 5.76 -29.99
C ASP A 9 -57.88 4.95 -31.31
N ARG A 10 -58.00 5.66 -32.44
CA ARG A 10 -57.97 5.09 -33.81
C ARG A 10 -56.93 5.81 -34.70
N VAL A 11 -55.94 6.40 -34.05
CA VAL A 11 -54.64 6.78 -34.62
C VAL A 11 -53.63 5.81 -33.95
N LYS A 12 -53.56 4.54 -34.39
CA LYS A 12 -53.92 4.03 -35.72
C LYS A 12 -54.37 2.54 -35.76
N ASP A 13 -55.51 2.25 -36.42
CA ASP A 13 -55.93 0.92 -36.89
C ASP A 13 -55.43 0.72 -38.35
N LEU A 14 -55.67 1.68 -39.27
CA LEU A 14 -54.94 1.79 -40.55
C LEU A 14 -53.44 2.22 -40.42
N ALA A 15 -52.77 1.83 -39.31
CA ALA A 15 -51.31 1.80 -39.20
C ALA A 15 -50.81 0.49 -39.83
N THR A 16 -51.27 -0.67 -39.34
CA THR A 16 -50.76 -2.01 -39.64
C THR A 16 -50.76 -2.45 -41.11
N VAL A 17 -51.33 -1.66 -42.03
CA VAL A 17 -51.23 -1.83 -43.48
C VAL A 17 -49.95 -1.15 -44.05
N TYR A 18 -49.29 -0.23 -43.31
CA TYR A 18 -47.96 0.32 -43.66
C TYR A 18 -46.79 -0.68 -43.47
N VAL A 19 -47.02 -1.81 -42.78
CA VAL A 19 -46.09 -2.95 -42.75
C VAL A 19 -46.40 -3.89 -43.92
N ASP A 20 -47.69 -4.03 -44.30
CA ASP A 20 -48.20 -4.77 -45.46
C ASP A 20 -47.63 -4.26 -46.81
N VAL A 21 -47.27 -2.97 -46.89
CA VAL A 21 -46.33 -2.35 -47.87
C VAL A 21 -45.06 -3.20 -48.08
N LEU A 22 -44.21 -3.25 -47.04
CA LEU A 22 -42.90 -3.91 -47.04
C LEU A 22 -43.02 -5.44 -47.17
N LYS A 23 -43.89 -6.03 -46.34
CA LYS A 23 -44.23 -7.46 -46.27
C LYS A 23 -44.62 -8.09 -47.62
N ASP A 24 -45.66 -7.58 -48.30
CA ASP A 24 -46.20 -8.19 -49.51
C ASP A 24 -45.44 -7.84 -50.82
N SER A 25 -44.32 -7.09 -50.74
CA SER A 25 -43.26 -7.16 -51.77
C SER A 25 -42.58 -8.56 -51.78
N GLY A 26 -42.43 -9.18 -50.59
CA GLY A 26 -41.81 -10.50 -50.40
C GLY A 26 -42.79 -11.67 -50.51
N ARG A 27 -44.11 -11.36 -50.57
CA ARG A 27 -45.16 -12.28 -51.02
C ARG A 27 -45.18 -12.44 -52.55
N ASP A 28 -44.52 -11.53 -53.31
CA ASP A 28 -44.64 -11.43 -54.76
C ASP A 28 -43.29 -11.46 -55.53
N TYR A 29 -42.18 -10.91 -55.01
CA TYR A 29 -40.86 -11.04 -55.67
C TYR A 29 -40.36 -12.49 -55.77
N VAL A 30 -40.84 -13.39 -54.89
CA VAL A 30 -40.77 -14.86 -54.98
C VAL A 30 -41.28 -15.44 -56.33
N SER A 31 -42.34 -14.87 -56.92
CA SER A 31 -42.85 -15.25 -58.24
C SER A 31 -42.10 -14.55 -59.39
N GLN A 32 -41.25 -13.57 -59.08
CA GLN A 32 -40.70 -12.60 -60.02
C GLN A 32 -39.16 -12.41 -59.94
N PHE A 33 -38.44 -13.41 -59.41
CA PHE A 33 -37.02 -13.64 -59.74
C PHE A 33 -36.86 -14.78 -60.77
N GLU A 34 -37.96 -15.44 -61.15
CA GLU A 34 -38.04 -16.56 -62.10
C GLU A 34 -37.72 -16.17 -63.56
N GLY A 35 -38.15 -14.97 -63.99
CA GLY A 35 -38.24 -14.59 -65.41
C GLY A 35 -37.17 -13.58 -65.89
N SER A 36 -36.39 -13.00 -64.98
CA SER A 36 -35.18 -12.24 -65.33
C SER A 36 -34.01 -13.23 -65.63
N ALA A 37 -33.82 -14.24 -64.76
CA ALA A 37 -32.82 -15.31 -64.89
C ALA A 37 -32.90 -16.11 -66.21
N LEU A 38 -34.11 -16.24 -66.77
CA LEU A 38 -34.42 -16.96 -68.02
C LEU A 38 -33.71 -16.40 -69.29
N GLY A 39 -33.34 -15.11 -69.32
CA GLY A 39 -32.79 -14.44 -70.52
C GLY A 39 -31.30 -14.05 -70.43
N LYS A 40 -30.60 -14.44 -69.35
CA LYS A 40 -29.25 -13.96 -69.01
C LYS A 40 -28.10 -14.47 -69.90
N GLN A 41 -27.68 -13.61 -70.82
CA GLN A 41 -26.47 -13.60 -71.66
C GLN A 41 -26.20 -12.14 -72.05
N LEU A 42 -25.11 -11.81 -72.77
CA LEU A 42 -24.94 -10.47 -73.34
C LEU A 42 -23.87 -10.35 -74.46
N ASN A 43 -23.77 -9.13 -75.00
CA ASN A 43 -22.80 -8.64 -75.98
C ASN A 43 -21.93 -7.49 -75.41
N LEU A 44 -22.01 -7.24 -74.08
CA LEU A 44 -21.50 -6.13 -73.25
C LEU A 44 -20.26 -5.28 -73.66
N LYS A 45 -19.05 -5.78 -73.32
CA LYS A 45 -17.70 -5.15 -73.39
C LYS A 45 -17.21 -4.52 -72.07
N LEU A 46 -15.90 -4.29 -72.01
CA LEU A 46 -15.12 -3.72 -70.89
C LEU A 46 -14.58 -2.30 -71.21
N LEU A 47 -15.17 -1.61 -72.21
CA LEU A 47 -14.73 -0.30 -72.69
C LEU A 47 -15.76 0.83 -72.41
N ASP A 48 -17.05 0.57 -72.70
CA ASP A 48 -18.16 1.54 -72.59
C ASP A 48 -18.45 2.02 -71.14
N ASN A 49 -18.23 1.15 -70.16
CA ASN A 49 -18.31 1.42 -68.72
C ASN A 49 -17.37 2.55 -68.24
N TRP A 50 -16.17 2.64 -68.83
CA TRP A 50 -15.10 3.57 -68.45
C TRP A 50 -15.32 5.02 -68.92
N ASP A 51 -16.36 5.30 -69.73
CA ASP A 51 -16.91 6.63 -69.99
C ASP A 51 -17.76 7.06 -68.77
N SER A 52 -18.79 6.23 -68.46
CA SER A 52 -19.67 6.33 -67.30
C SER A 52 -18.91 6.49 -65.96
N VAL A 53 -18.04 5.54 -65.60
CA VAL A 53 -17.20 5.49 -64.39
C VAL A 53 -16.23 6.69 -64.26
N THR A 54 -15.63 7.18 -65.35
CA THR A 54 -14.76 8.37 -65.35
C THR A 54 -15.55 9.64 -65.00
N SER A 55 -16.73 9.84 -65.62
CA SER A 55 -17.66 10.92 -65.26
C SER A 55 -18.17 10.80 -63.81
N THR A 56 -18.53 9.57 -63.39
CA THR A 56 -19.12 9.21 -62.07
C THR A 56 -18.10 9.36 -60.92
N PHE A 57 -16.81 9.18 -61.21
CA PHE A 57 -15.68 9.49 -60.33
C PHE A 57 -15.38 11.01 -60.27
N SER A 58 -15.52 11.74 -61.40
CA SER A 58 -15.65 13.20 -61.44
C SER A 58 -16.80 13.71 -60.55
N LYS A 59 -17.95 13.03 -60.60
CA LYS A 59 -19.14 13.22 -59.76
C LYS A 59 -18.98 12.70 -58.30
N LEU A 60 -17.75 12.70 -57.77
CA LEU A 60 -17.46 12.78 -56.33
C LEU A 60 -16.88 14.17 -56.02
N ARG A 61 -15.82 14.59 -56.74
CA ARG A 61 -15.11 15.87 -56.56
C ARG A 61 -16.02 17.13 -56.55
N GLU A 62 -17.01 17.21 -57.47
CA GLU A 62 -17.84 18.40 -57.67
C GLU A 62 -18.75 18.78 -56.49
N GLN A 63 -19.55 17.83 -55.97
CA GLN A 63 -20.44 18.00 -54.82
C GLN A 63 -19.77 17.62 -53.48
N LEU A 64 -18.55 17.06 -53.47
CA LEU A 64 -17.66 17.17 -52.30
C LEU A 64 -17.28 18.65 -52.04
N GLY A 65 -16.78 19.37 -53.08
CA GLY A 65 -16.60 20.83 -53.19
C GLY A 65 -17.36 21.76 -52.21
N PRO A 66 -18.69 21.93 -52.36
CA PRO A 66 -19.53 22.75 -51.47
C PRO A 66 -19.84 22.08 -50.11
N VAL A 67 -19.98 20.75 -50.05
CA VAL A 67 -20.25 19.98 -48.81
C VAL A 67 -19.06 20.04 -47.82
N THR A 68 -17.83 20.03 -48.37
CA THR A 68 -16.54 20.31 -47.73
C THR A 68 -16.53 21.71 -47.09
N GLN A 69 -17.09 22.72 -47.78
CA GLN A 69 -17.29 24.08 -47.29
C GLN A 69 -18.56 24.26 -46.42
N GLU A 70 -19.21 23.18 -45.95
CA GLU A 70 -20.49 23.23 -45.22
C GLU A 70 -20.35 22.72 -43.77
N PHE A 71 -19.99 21.42 -43.56
CA PHE A 71 -19.82 20.81 -42.23
C PHE A 71 -18.46 21.18 -41.58
N TRP A 72 -18.16 22.48 -41.64
CA TRP A 72 -17.07 23.18 -40.97
C TRP A 72 -17.75 24.33 -40.20
N ASP A 73 -18.25 25.32 -40.94
CA ASP A 73 -19.17 26.41 -40.56
C ASP A 73 -20.27 26.01 -39.52
N ASN A 74 -20.90 24.85 -39.77
CA ASN A 74 -21.94 24.20 -38.97
C ASN A 74 -21.55 23.80 -37.52
N LEU A 75 -20.28 23.45 -37.26
CA LEU A 75 -19.87 22.82 -35.99
C LEU A 75 -19.18 23.82 -35.05
N GLU A 76 -18.86 25.04 -35.52
CA GLU A 76 -18.45 26.13 -34.63
C GLU A 76 -19.64 26.62 -33.78
N LYS A 77 -20.86 26.68 -34.33
CA LYS A 77 -22.09 26.95 -33.58
C LYS A 77 -22.52 25.78 -32.65
N GLU A 78 -21.85 24.61 -32.70
CA GLU A 78 -21.85 23.66 -31.58
C GLU A 78 -20.76 24.06 -30.57
N THR A 79 -19.48 24.18 -30.98
CA THR A 79 -18.35 24.45 -30.06
C THR A 79 -18.40 25.80 -29.32
N GLU A 80 -18.95 26.86 -29.93
CA GLU A 80 -19.26 28.17 -29.35
C GLU A 80 -20.43 28.08 -28.35
N GLY A 81 -21.39 27.19 -28.62
CA GLY A 81 -22.44 26.79 -27.70
C GLY A 81 -21.84 26.06 -26.49
N LEU A 82 -21.20 24.90 -26.74
CA LEU A 82 -20.32 24.16 -25.84
C LEU A 82 -19.41 25.01 -24.92
N ARG A 83 -18.57 25.92 -25.44
CA ARG A 83 -17.67 26.75 -24.62
C ARG A 83 -18.36 27.85 -23.77
N GLN A 84 -19.64 28.13 -24.00
CA GLN A 84 -20.47 28.98 -23.14
C GLN A 84 -21.35 28.12 -22.20
N GLU A 85 -21.89 27.01 -22.71
CA GLU A 85 -22.66 26.00 -21.95
C GLU A 85 -21.77 25.18 -20.98
N MET A 86 -20.43 25.24 -21.14
CA MET A 86 -19.40 24.81 -20.20
C MET A 86 -19.64 25.32 -18.77
N SER A 87 -19.93 26.63 -18.63
CA SER A 87 -20.27 27.29 -17.37
C SER A 87 -21.66 26.88 -16.83
N LYS A 88 -22.60 26.50 -17.71
CA LYS A 88 -23.93 26.03 -17.31
C LYS A 88 -23.90 24.59 -16.78
N ASP A 89 -23.21 23.64 -17.43
CA ASP A 89 -23.12 22.25 -16.94
C ASP A 89 -22.39 22.11 -15.58
N LEU A 90 -21.38 22.95 -15.30
CA LEU A 90 -20.68 22.98 -14.01
C LEU A 90 -21.56 23.37 -12.79
N GLU A 91 -22.65 24.15 -12.99
CA GLU A 91 -23.68 24.39 -11.96
C GLU A 91 -24.87 23.39 -12.04
N GLU A 92 -25.14 22.83 -13.23
CA GLU A 92 -26.17 21.81 -13.51
C GLU A 92 -25.90 20.48 -12.77
N VAL A 93 -24.64 20.00 -12.80
CA VAL A 93 -24.21 18.77 -12.12
C VAL A 93 -24.11 18.95 -10.58
N LYS A 94 -23.78 20.17 -10.09
CA LYS A 94 -23.79 20.52 -8.67
C LYS A 94 -25.21 20.39 -8.06
N ALA A 95 -26.23 20.85 -8.81
CA ALA A 95 -27.66 20.70 -8.50
C ALA A 95 -28.18 19.24 -8.49
N LYS A 96 -27.32 18.26 -8.83
CA LYS A 96 -27.55 16.81 -8.73
C LYS A 96 -26.66 16.16 -7.64
N VAL A 97 -25.38 16.57 -7.53
CA VAL A 97 -24.39 16.15 -6.52
C VAL A 97 -24.90 16.05 -5.06
N GLN A 98 -25.37 17.14 -4.45
CA GLN A 98 -25.77 17.12 -3.03
C GLN A 98 -27.13 16.42 -2.75
N PRO A 99 -28.21 16.61 -3.55
CA PRO A 99 -29.48 15.84 -3.41
C PRO A 99 -29.40 14.30 -3.37
N TYR A 100 -28.37 13.67 -3.96
CA TYR A 100 -28.26 12.20 -4.06
C TYR A 100 -28.02 11.44 -2.72
N LEU A 101 -27.74 12.17 -1.63
CA LEU A 101 -27.21 11.70 -0.35
C LEU A 101 -27.82 10.39 0.22
N ASP A 102 -29.16 10.27 0.18
CA ASP A 102 -29.92 9.06 0.55
C ASP A 102 -29.46 7.78 -0.17
N ASP A 103 -29.17 7.86 -1.47
CA ASP A 103 -28.66 6.79 -2.33
C ASP A 103 -27.23 6.39 -1.92
N PHE A 104 -26.29 7.35 -1.86
CA PHE A 104 -24.89 7.01 -1.55
C PHE A 104 -24.64 6.69 -0.07
N GLN A 105 -25.54 7.11 0.84
CA GLN A 105 -25.65 6.57 2.19
C GLN A 105 -26.24 5.13 2.22
N LYS A 106 -27.28 4.80 1.43
CA LYS A 106 -27.76 3.41 1.30
C LYS A 106 -26.72 2.47 0.66
N LYS A 107 -25.94 2.93 -0.33
CA LYS A 107 -24.83 2.18 -0.92
C LYS A 107 -23.66 1.98 0.07
N TRP A 108 -23.29 3.02 0.84
CA TRP A 108 -22.39 2.96 2.01
C TRP A 108 -22.87 1.94 3.08
N GLN A 109 -24.16 1.97 3.45
CA GLN A 109 -24.78 0.98 4.34
C GLN A 109 -24.81 -0.45 3.76
N GLU A 110 -25.08 -0.62 2.46
CA GLU A 110 -25.00 -1.90 1.71
C GLU A 110 -23.56 -2.40 1.46
N GLU A 111 -22.54 -1.64 1.90
CA GLU A 111 -21.12 -1.97 1.76
C GLU A 111 -20.42 -2.08 3.12
N MET A 112 -20.66 -1.14 4.05
CA MET A 112 -19.99 -1.06 5.35
C MET A 112 -20.69 -1.94 6.42
N GLU A 113 -22.03 -1.87 6.55
CA GLU A 113 -22.80 -2.70 7.49
C GLU A 113 -22.80 -4.18 7.04
N LEU A 114 -22.69 -4.40 5.71
CA LEU A 114 -22.54 -5.72 5.08
C LEU A 114 -21.05 -6.10 4.84
N TYR A 115 -20.08 -5.31 5.33
CA TYR A 115 -18.67 -5.73 5.45
C TYR A 115 -18.47 -6.45 6.79
N ARG A 116 -18.85 -5.81 7.91
CA ARG A 116 -18.69 -6.36 9.26
C ARG A 116 -19.52 -7.66 9.48
N GLN A 117 -20.66 -7.83 8.78
CA GLN A 117 -21.52 -9.02 8.82
C GLN A 117 -20.77 -10.33 8.49
N LYS A 118 -19.74 -10.25 7.65
CA LYS A 118 -18.91 -11.38 7.22
C LYS A 118 -17.74 -11.56 8.21
N VAL A 119 -17.09 -10.46 8.59
CA VAL A 119 -15.90 -10.44 9.46
C VAL A 119 -16.22 -10.78 10.93
N GLU A 120 -17.37 -10.33 11.48
CA GLU A 120 -17.84 -10.61 12.85
C GLU A 120 -17.99 -12.11 13.25
N PRO A 121 -18.52 -13.01 12.40
CA PRO A 121 -18.37 -14.45 12.57
C PRO A 121 -16.96 -14.97 12.17
N LEU A 122 -16.40 -14.54 11.02
CA LEU A 122 -15.10 -15.03 10.52
C LEU A 122 -13.88 -14.81 11.46
N ARG A 123 -13.81 -13.70 12.21
CA ARG A 123 -12.82 -13.46 13.28
C ARG A 123 -12.76 -14.61 14.32
N ALA A 124 -13.94 -15.08 14.74
CA ALA A 124 -14.13 -16.08 15.79
C ALA A 124 -14.01 -17.48 15.21
N GLU A 125 -14.54 -17.71 14.01
CA GLU A 125 -14.41 -18.98 13.29
C GLU A 125 -12.96 -19.25 12.79
N LEU A 126 -12.11 -18.21 12.68
CA LEU A 126 -10.66 -18.33 12.59
C LEU A 126 -10.01 -18.52 13.99
N GLN A 127 -10.26 -17.66 15.00
CA GLN A 127 -9.67 -17.76 16.36
C GLN A 127 -9.91 -19.14 17.07
N GLU A 128 -11.16 -19.65 17.03
CA GLU A 128 -11.62 -20.84 17.76
C GLU A 128 -11.15 -22.14 17.05
N GLY A 129 -10.84 -22.04 15.75
CA GLY A 129 -10.37 -23.11 14.89
C GLY A 129 -8.84 -23.15 14.85
N ALA A 130 -8.17 -21.99 14.90
CA ALA A 130 -6.71 -21.85 15.01
C ALA A 130 -6.07 -22.44 16.28
N ARG A 131 -6.82 -22.83 17.32
CA ARG A 131 -6.30 -23.54 18.50
C ARG A 131 -5.65 -24.92 18.17
N GLN A 132 -6.20 -25.63 17.17
CA GLN A 132 -5.63 -26.85 16.56
C GLN A 132 -4.31 -26.57 15.79
N LYS A 133 -4.10 -25.33 15.32
CA LYS A 133 -2.86 -24.88 14.70
C LYS A 133 -1.90 -24.20 15.70
N LEU A 134 -2.38 -23.63 16.81
CA LEU A 134 -1.54 -23.29 17.97
C LEU A 134 -0.86 -24.53 18.59
N HIS A 135 -1.59 -25.66 18.69
CA HIS A 135 -1.01 -26.98 18.96
C HIS A 135 -0.04 -27.49 17.86
N GLU A 136 -0.25 -27.15 16.57
CA GLU A 136 0.74 -27.39 15.47
C GLU A 136 2.05 -26.58 15.61
N LEU A 137 2.06 -25.48 16.35
CA LEU A 137 3.27 -24.70 16.66
C LEU A 137 3.85 -25.14 18.02
N GLN A 138 3.04 -25.11 19.09
CA GLN A 138 3.37 -25.40 20.49
C GLN A 138 3.92 -26.82 20.77
N GLU A 139 3.48 -27.81 19.99
CA GLU A 139 3.95 -29.20 20.05
C GLU A 139 4.73 -29.58 18.79
N LYS A 140 5.33 -28.59 18.10
CA LYS A 140 6.35 -28.74 17.06
C LYS A 140 7.69 -28.11 17.51
N LEU A 141 7.73 -26.84 17.94
CA LEU A 141 8.98 -26.12 18.28
C LEU A 141 9.92 -26.80 19.32
N SER A 142 9.39 -27.23 20.48
CA SER A 142 10.15 -27.92 21.54
C SER A 142 10.60 -29.36 21.16
N PRO A 143 9.79 -30.21 20.47
CA PRO A 143 10.32 -31.47 19.92
C PRO A 143 11.28 -31.33 18.72
N LEU A 144 11.38 -30.21 17.99
CA LEU A 144 12.54 -29.94 17.10
C LEU A 144 13.81 -29.72 17.96
N GLY A 145 13.70 -28.73 18.89
CA GLY A 145 14.58 -28.34 20.00
C GLY A 145 15.59 -29.38 20.51
N GLU A 146 15.08 -30.56 20.90
CA GLU A 146 15.84 -31.69 21.47
C GLU A 146 16.93 -32.31 20.56
N GLU A 147 16.87 -32.08 19.24
CA GLU A 147 17.92 -32.45 18.28
C GLU A 147 18.67 -31.19 17.78
N MET A 148 17.93 -30.07 17.60
CA MET A 148 18.46 -28.75 17.23
C MET A 148 19.54 -28.19 18.19
N ARG A 149 19.44 -28.49 19.49
CA ARG A 149 20.42 -28.14 20.52
C ARG A 149 21.76 -28.91 20.40
N ASP A 150 21.75 -30.19 19.97
CA ASP A 150 22.95 -30.98 19.70
C ASP A 150 23.52 -30.62 18.31
N ARG A 151 22.63 -30.30 17.35
CA ARG A 151 22.95 -29.73 16.03
C ARG A 151 23.46 -28.26 16.09
N ALA A 152 23.67 -27.70 17.30
CA ALA A 152 24.46 -26.49 17.53
C ALA A 152 25.92 -26.81 17.91
N ARG A 153 26.21 -28.02 18.40
CA ARG A 153 27.49 -28.42 19.02
C ARG A 153 28.22 -29.54 18.23
N ALA A 154 27.49 -30.61 17.87
CA ALA A 154 27.96 -31.94 17.46
C ALA A 154 29.27 -32.22 16.67
N HIS A 155 29.74 -31.51 15.62
CA HIS A 155 29.29 -30.35 14.82
C HIS A 155 30.16 -29.06 14.89
N VAL A 156 31.12 -28.97 15.82
CA VAL A 156 32.09 -27.88 15.96
C VAL A 156 33.46 -28.44 16.40
N ASP A 157 34.37 -28.69 15.44
CA ASP A 157 35.78 -29.05 15.64
C ASP A 157 36.00 -30.41 16.36
N ALA A 158 37.27 -30.82 16.49
CA ALA A 158 37.75 -31.83 17.44
C ALA A 158 38.28 -31.16 18.73
N LEU A 159 38.26 -29.81 18.76
CA LEU A 159 38.85 -28.88 19.72
C LEU A 159 40.37 -28.76 19.48
N ARG A 160 40.78 -28.87 18.20
CA ARG A 160 42.13 -28.83 17.63
C ARG A 160 43.22 -29.61 18.42
N THR A 161 42.85 -30.81 18.90
CA THR A 161 43.61 -31.71 19.79
C THR A 161 45.11 -31.90 19.39
N HIS A 162 46.03 -31.32 20.18
CA HIS A 162 47.48 -31.35 19.95
C HIS A 162 48.12 -32.58 20.63
N LEU A 163 48.91 -33.36 19.88
CA LEU A 163 49.64 -34.54 20.39
C LEU A 163 51.05 -34.19 20.92
N ALA A 164 51.54 -32.97 20.64
CA ALA A 164 52.82 -32.41 21.08
C ALA A 164 52.71 -30.89 21.30
N PRO A 165 53.45 -30.29 22.27
CA PRO A 165 53.52 -28.83 22.49
C PRO A 165 53.87 -27.99 21.23
N TYR A 166 54.71 -28.54 20.35
CA TYR A 166 55.27 -27.93 19.14
C TYR A 166 54.40 -28.17 17.87
N SER A 167 53.07 -28.20 18.04
CA SER A 167 52.06 -28.41 16.98
C SER A 167 51.16 -27.19 16.68
N ASP A 168 51.40 -26.06 17.37
CA ASP A 168 51.34 -24.73 16.77
C ASP A 168 52.80 -24.24 16.62
N GLU A 169 53.04 -23.28 15.72
CA GLU A 169 54.07 -22.26 15.87
C GLU A 169 53.34 -20.91 15.95
N LEU A 170 53.47 -20.23 17.09
CA LEU A 170 52.72 -19.04 17.48
C LEU A 170 53.63 -18.09 18.28
N ARG A 171 53.23 -16.84 18.42
CA ARG A 171 53.97 -15.77 19.07
C ARG A 171 52.99 -14.71 19.62
N GLN A 172 53.36 -14.03 20.70
CA GLN A 172 52.57 -12.98 21.35
C GLN A 172 53.39 -11.67 21.43
N ARG A 173 52.73 -10.56 21.12
CA ARG A 173 53.30 -9.23 20.83
C ARG A 173 52.40 -8.13 21.41
N LEU A 174 51.94 -7.18 20.57
CA LEU A 174 50.90 -6.20 20.85
C LEU A 174 51.40 -4.93 21.58
N ALA A 175 52.72 -4.68 21.48
CA ALA A 175 53.49 -3.52 21.93
C ALA A 175 52.86 -2.14 21.64
N ALA A 176 52.09 -2.09 20.55
CA ALA A 176 51.14 -1.06 20.16
C ALA A 176 50.27 -0.43 21.27
N ARG A 177 49.78 -1.27 22.20
CA ARG A 177 49.24 -0.81 23.47
C ARG A 177 50.09 -1.30 24.66
N LEU A 178 50.66 -2.52 24.64
CA LEU A 178 51.40 -3.17 25.75
C LEU A 178 52.47 -2.27 26.43
N GLU A 179 53.18 -1.44 25.67
CA GLU A 179 54.17 -0.48 26.19
C GLU A 179 53.51 0.70 26.93
N ALA A 180 52.50 1.35 26.33
CA ALA A 180 51.73 2.43 26.95
C ALA A 180 50.86 1.95 28.14
N LEU A 181 50.35 0.71 28.05
CA LEU A 181 49.68 -0.10 29.06
C LEU A 181 50.55 -0.36 30.32
N LYS A 182 51.85 -0.68 30.15
CA LYS A 182 52.81 -0.81 31.26
C LYS A 182 53.07 0.53 31.97
N GLU A 183 53.14 1.64 31.21
CA GLU A 183 53.34 3.00 31.72
C GLU A 183 52.07 3.51 32.45
N ASN A 184 50.87 3.31 31.88
CA ASN A 184 49.56 3.52 32.51
C ASN A 184 49.24 2.53 33.67
N GLY A 185 50.03 1.47 33.83
CA GLY A 185 49.95 0.49 34.92
C GLY A 185 51.06 0.68 35.98
N GLY A 186 52.07 1.51 35.69
CA GLY A 186 53.23 1.81 36.54
C GLY A 186 53.21 3.23 37.11
N ALA A 187 52.60 4.19 36.40
CA ALA A 187 52.13 5.47 36.96
C ALA A 187 51.00 5.23 37.98
N ARG A 188 50.03 4.38 37.61
CA ARG A 188 49.00 3.80 38.48
C ARG A 188 49.52 3.17 39.79
N LEU A 189 50.61 2.39 39.71
CA LEU A 189 51.26 1.71 40.84
C LEU A 189 51.80 2.73 41.87
N ALA A 190 52.40 3.83 41.39
CA ALA A 190 52.87 4.96 42.21
C ALA A 190 51.72 5.84 42.72
N GLU A 191 50.66 6.06 41.91
CA GLU A 191 49.43 6.79 42.27
C GLU A 191 48.67 6.09 43.42
N TYR A 192 48.43 4.77 43.34
CA TYR A 192 47.67 3.96 44.32
C TYR A 192 48.44 3.67 45.63
N HIS A 193 49.64 4.24 45.81
CA HIS A 193 50.44 4.16 47.04
C HIS A 193 50.84 5.56 47.58
N ALA A 194 50.95 6.57 46.69
CA ALA A 194 50.91 7.99 47.04
C ALA A 194 49.53 8.39 47.61
N LYS A 195 48.43 8.06 46.92
CA LYS A 195 47.03 8.17 47.38
C LYS A 195 46.62 7.01 48.31
N ALA A 196 47.55 6.62 49.17
CA ALA A 196 47.38 5.68 50.27
C ALA A 196 48.20 6.13 51.49
N THR A 197 49.41 6.67 51.30
CA THR A 197 50.30 7.13 52.38
C THR A 197 49.73 8.30 53.23
N GLU A 198 49.10 9.29 52.59
CA GLU A 198 48.39 10.39 53.27
C GLU A 198 47.03 9.92 53.85
N HIS A 199 46.35 8.97 53.19
CA HIS A 199 45.13 8.33 53.69
C HIS A 199 45.37 7.37 54.87
N LEU A 200 46.41 6.51 54.85
CA LEU A 200 46.82 5.61 55.96
C LEU A 200 47.17 6.38 57.25
N SER A 201 47.86 7.51 57.12
CA SER A 201 48.08 8.46 58.23
C SER A 201 46.80 9.18 58.69
N THR A 202 45.91 9.62 57.77
CA THR A 202 44.60 10.25 58.08
C THR A 202 43.59 9.26 58.71
N LEU A 203 43.65 7.97 58.32
CA LEU A 203 42.98 6.81 58.93
C LEU A 203 43.48 6.57 60.36
N SER A 204 44.74 6.11 60.52
CA SER A 204 45.37 5.74 61.80
C SER A 204 45.65 6.89 62.81
N GLU A 205 45.23 8.12 62.50
CA GLU A 205 45.14 9.26 63.44
C GLU A 205 43.98 9.09 64.45
N LYS A 206 42.92 8.37 64.06
CA LYS A 206 41.55 8.52 64.57
C LYS A 206 40.90 7.22 65.06
N ALA A 207 41.67 6.20 65.47
CA ALA A 207 41.24 4.90 66.02
C ALA A 207 40.45 4.96 67.38
N LYS A 208 39.61 5.99 67.57
CA LYS A 208 38.77 6.27 68.74
C LYS A 208 37.69 7.35 68.48
N PRO A 209 38.04 8.60 68.08
CA PRO A 209 37.05 9.66 67.80
C PRO A 209 36.18 9.44 66.55
N ALA A 210 36.65 8.60 65.61
CA ALA A 210 36.00 8.14 64.37
C ALA A 210 34.52 7.71 64.40
N LEU A 211 34.04 7.31 65.58
CA LEU A 211 32.66 6.87 65.84
C LEU A 211 31.77 8.05 66.30
N GLU A 212 32.38 9.20 66.67
CA GLU A 212 31.78 10.24 67.50
C GLU A 212 31.99 11.69 66.97
N ASP A 213 33.01 11.93 66.13
CA ASP A 213 33.07 13.09 65.23
C ASP A 213 31.93 13.03 64.18
N LEU A 214 31.70 11.82 63.65
CA LEU A 214 30.52 11.32 62.92
C LEU A 214 29.21 11.60 63.67
N ARG A 215 29.10 11.19 64.95
CA ARG A 215 27.94 11.43 65.81
C ARG A 215 27.69 12.93 66.08
N GLN A 216 28.74 13.73 66.32
CA GLN A 216 28.69 15.19 66.41
C GLN A 216 28.14 15.90 65.15
N GLY A 217 28.18 15.21 64.00
CA GLY A 217 27.59 15.63 62.73
C GLY A 217 26.21 14.99 62.45
N LEU A 218 25.79 14.03 63.29
CA LEU A 218 24.40 13.58 63.40
C LEU A 218 23.63 14.43 64.42
N LEU A 219 24.14 14.65 65.66
CA LEU A 219 23.45 15.30 66.81
C LEU A 219 22.33 16.35 66.52
N PRO A 220 22.63 17.54 65.95
CA PRO A 220 21.60 18.52 65.57
C PRO A 220 20.91 18.25 64.21
N VAL A 221 21.56 17.50 63.29
CA VAL A 221 21.00 16.99 62.03
C VAL A 221 19.87 15.95 62.27
N LEU A 222 19.93 15.21 63.39
CA LEU A 222 18.84 14.41 63.95
C LEU A 222 17.68 15.31 64.41
N GLU A 223 17.78 16.02 65.55
CA GLU A 223 16.66 16.71 66.26
C GLU A 223 15.59 17.44 65.42
N SER A 224 15.98 18.05 64.29
CA SER A 224 15.09 18.70 63.32
C SER A 224 14.28 17.72 62.41
N PHE A 225 14.77 16.49 62.15
CA PHE A 225 14.18 15.49 61.24
C PHE A 225 12.77 14.96 61.64
N LYS A 226 12.41 15.14 62.91
CA LYS A 226 11.17 14.73 63.56
C LYS A 226 10.19 15.92 63.72
N VAL A 227 10.60 17.12 63.30
CA VAL A 227 9.90 18.39 63.50
C VAL A 227 9.70 19.12 62.16
N SER A 228 10.73 19.83 61.68
CA SER A 228 10.64 20.70 60.49
C SER A 228 10.45 19.93 59.17
N PHE A 229 10.98 18.71 59.08
CA PHE A 229 11.08 17.91 57.86
C PHE A 229 9.85 17.00 57.56
N LEU A 230 8.91 16.80 58.50
CA LEU A 230 7.89 15.74 58.40
C LEU A 230 6.92 15.81 57.21
N SER A 231 6.38 16.98 56.83
CA SER A 231 5.50 17.13 55.66
C SER A 231 6.26 16.99 54.33
N ALA A 232 7.47 17.57 54.21
CA ALA A 232 8.44 17.29 53.14
C ALA A 232 8.72 15.77 52.95
N LEU A 233 9.04 15.08 54.05
CA LEU A 233 9.33 13.64 54.12
C LEU A 233 8.10 12.75 54.40
N GLU A 234 6.87 13.19 54.10
CA GLU A 234 5.67 12.33 54.03
C GLU A 234 5.36 11.96 52.55
N GLU A 235 5.93 12.69 51.58
CA GLU A 235 5.78 12.42 50.14
C GLU A 235 6.78 11.33 49.69
N TYR A 236 8.09 11.63 49.75
CA TYR A 236 9.26 10.81 49.39
C TYR A 236 9.63 10.85 47.88
N THR A 237 8.69 11.05 46.94
CA THR A 237 8.67 10.35 45.64
C THR A 237 8.55 11.17 44.33
N LYS A 238 7.46 11.93 44.11
CA LYS A 238 6.77 11.89 42.81
C LYS A 238 7.37 12.73 41.65
N LYS A 239 7.30 12.33 40.36
CA LYS A 239 7.18 10.99 39.75
C LYS A 239 7.05 11.08 38.21
N LEU A 240 7.15 9.89 37.59
CA LEU A 240 6.56 9.42 36.33
C LEU A 240 5.09 9.89 36.13
N ASN A 241 4.70 10.29 34.91
CA ASN A 241 3.43 10.90 34.49
C ASN A 241 3.51 12.44 34.46
N THR A 242 3.79 12.99 33.27
CA THR A 242 4.10 14.40 32.95
C THR A 242 3.15 15.47 33.55
N GLN A 243 3.74 16.49 34.20
CA GLN A 243 3.07 17.70 34.73
C GLN A 243 3.75 19.01 34.28
N ASP B 1 3.91 4.98 52.02
CA ASP B 1 4.93 5.36 51.02
C ASP B 1 4.39 5.16 49.58
N GLU B 2 5.25 5.39 48.60
CA GLU B 2 5.19 4.95 47.20
C GLU B 2 6.66 4.71 46.73
N PRO B 3 6.96 4.22 45.50
CA PRO B 3 8.34 4.04 44.96
C PRO B 3 9.36 5.16 45.30
N PRO B 4 10.29 4.95 46.27
CA PRO B 4 11.13 6.01 46.86
C PRO B 4 11.96 6.91 45.92
N GLN B 5 12.55 6.36 44.85
CA GLN B 5 13.51 7.07 43.98
C GLN B 5 13.14 7.02 42.47
N SER B 6 13.96 7.66 41.63
CA SER B 6 13.58 8.19 40.31
C SER B 6 13.82 7.23 39.12
N PRO B 7 12.75 6.69 38.46
CA PRO B 7 12.81 6.27 37.06
C PRO B 7 12.67 7.52 36.16
N TRP B 8 13.88 8.11 35.79
CA TRP B 8 14.38 8.72 34.54
C TRP B 8 15.18 9.96 34.85
N ASP B 9 15.40 10.81 33.83
CA ASP B 9 16.45 11.82 34.08
C ASP B 9 15.87 12.85 35.10
N ARG B 10 15.17 13.89 34.63
CA ARG B 10 14.08 14.65 35.26
C ARG B 10 14.44 15.95 35.99
N VAL B 11 14.59 17.04 35.22
CA VAL B 11 14.56 18.43 35.71
C VAL B 11 13.14 18.85 36.18
N LYS B 12 12.11 18.36 35.48
CA LYS B 12 10.80 19.01 35.35
C LYS B 12 9.74 18.55 36.39
N ASP B 13 9.36 17.27 36.41
CA ASP B 13 8.20 16.78 37.18
C ASP B 13 8.46 16.65 38.69
N LEU B 14 9.73 16.46 39.09
CA LEU B 14 10.21 16.44 40.48
C LEU B 14 10.07 17.79 41.23
N ALA B 15 9.62 18.86 40.55
CA ALA B 15 9.11 20.11 41.12
C ALA B 15 8.06 19.93 42.24
N THR B 16 7.19 18.89 42.15
CA THR B 16 6.21 18.49 43.18
C THR B 16 6.84 17.94 44.48
N VAL B 17 8.15 17.60 44.46
CA VAL B 17 8.98 17.27 45.63
C VAL B 17 9.90 18.46 45.96
N TYR B 18 10.64 18.97 44.96
CA TYR B 18 11.65 20.04 45.09
C TYR B 18 11.12 21.35 45.71
N VAL B 19 9.90 21.78 45.37
CA VAL B 19 9.22 22.92 46.00
C VAL B 19 9.00 22.68 47.51
N ASP B 20 8.20 21.68 47.86
CA ASP B 20 7.78 21.33 49.23
C ASP B 20 8.93 20.89 50.16
N VAL B 21 9.94 20.16 49.65
CA VAL B 21 11.19 19.86 50.37
C VAL B 21 11.97 21.14 50.74
N LEU B 22 12.28 22.03 49.78
CA LEU B 22 12.94 23.32 50.03
C LEU B 22 12.12 24.29 50.92
N LYS B 23 10.79 24.33 50.73
CA LYS B 23 9.81 25.12 51.49
C LYS B 23 9.82 24.82 53.00
N ASP B 24 9.87 23.55 53.39
CA ASP B 24 9.90 23.12 54.80
C ASP B 24 11.32 22.91 55.37
N SER B 25 12.25 22.25 54.64
CA SER B 25 13.43 21.64 55.29
C SER B 25 14.72 21.45 54.47
N GLY B 26 14.66 21.54 53.14
CA GLY B 26 15.82 21.38 52.25
C GLY B 26 16.71 22.64 52.19
N ARG B 27 16.19 23.73 52.79
CA ARG B 27 16.94 24.87 53.31
C ARG B 27 17.89 24.47 54.46
N ASP B 28 17.35 24.13 55.65
CA ASP B 28 18.10 24.05 56.91
C ASP B 28 19.13 22.90 57.01
N TYR B 29 18.96 21.81 56.25
CA TYR B 29 19.94 20.71 56.17
C TYR B 29 21.37 21.18 55.80
N VAL B 30 21.50 22.17 54.89
CA VAL B 30 22.78 22.71 54.42
C VAL B 30 23.52 23.49 55.55
N SER B 31 22.78 24.16 56.44
CA SER B 31 23.32 24.97 57.54
C SER B 31 23.64 24.10 58.79
N GLN B 32 22.95 22.97 58.97
CA GLN B 32 23.31 21.95 59.95
C GLN B 32 24.49 21.09 59.43
N PHE B 33 24.59 20.86 58.10
CA PHE B 33 25.78 20.32 57.44
C PHE B 33 26.99 21.28 57.50
N GLU B 34 26.80 22.60 57.33
CA GLU B 34 27.81 23.65 57.57
C GLU B 34 28.38 23.61 59.01
N GLY B 35 27.55 23.32 60.01
CA GLY B 35 27.95 23.21 61.42
C GLY B 35 28.50 21.83 61.80
N SER B 36 28.15 20.78 61.05
CA SER B 36 28.81 19.46 61.08
C SER B 36 30.23 19.49 60.48
N ALA B 37 30.51 20.38 59.51
CA ALA B 37 31.82 20.57 58.90
C ALA B 37 32.72 21.53 59.70
N LEU B 38 32.15 22.61 60.27
CA LEU B 38 32.86 23.59 61.11
C LEU B 38 33.06 23.14 62.58
N GLY B 39 32.54 21.97 62.98
CA GLY B 39 32.69 21.37 64.31
C GLY B 39 33.46 20.04 64.24
N LYS B 40 34.48 19.90 65.10
CA LYS B 40 35.51 18.83 65.17
C LYS B 40 36.78 19.17 64.35
N GLN B 41 37.68 18.19 64.09
CA GLN B 41 39.01 18.32 63.42
C GLN B 41 39.27 19.54 62.49
N LEU B 42 38.65 19.74 61.32
CA LEU B 42 37.97 18.84 60.35
C LEU B 42 37.69 19.65 59.07
N ASN B 43 37.29 20.92 59.24
CA ASN B 43 37.03 21.96 58.24
C ASN B 43 38.17 22.27 57.23
N LEU B 44 39.37 21.76 57.50
CA LEU B 44 40.56 21.84 56.65
C LEU B 44 40.68 20.58 55.75
N LYS B 45 40.21 19.42 56.24
CA LYS B 45 40.38 18.12 55.60
C LYS B 45 39.33 17.81 54.53
N LEU B 46 38.24 18.61 54.40
CA LEU B 46 37.39 18.59 53.20
C LEU B 46 38.09 19.24 51.98
N LEU B 47 39.11 20.10 52.20
CA LEU B 47 39.90 20.75 51.15
C LEU B 47 41.21 20.00 50.85
N ASP B 48 42.00 19.66 51.90
CA ASP B 48 43.34 19.04 51.85
C ASP B 48 43.53 17.84 50.88
N ASN B 49 42.46 17.04 50.66
CA ASN B 49 42.41 15.96 49.68
C ASN B 49 41.14 15.96 48.80
N TRP B 50 40.60 17.17 48.52
CA TRP B 50 39.66 17.41 47.41
C TRP B 50 40.43 17.87 46.16
N ASP B 51 41.27 18.90 46.24
CA ASP B 51 42.04 19.37 45.07
C ASP B 51 43.20 18.43 44.63
N SER B 52 43.48 17.36 45.38
CA SER B 52 44.21 16.17 44.90
C SER B 52 43.40 15.35 43.86
N VAL B 53 42.05 15.41 43.90
CA VAL B 53 41.13 14.83 42.91
C VAL B 53 40.96 15.79 41.72
N THR B 54 40.86 17.11 41.96
CA THR B 54 40.83 18.17 40.92
C THR B 54 42.12 18.12 40.07
N SER B 55 43.29 18.10 40.73
CA SER B 55 44.59 17.90 40.09
C SER B 55 44.85 16.46 39.61
N THR B 56 44.02 15.44 39.95
CA THR B 56 44.06 14.12 39.28
C THR B 56 43.32 14.17 37.94
N PHE B 57 42.17 14.84 37.86
CA PHE B 57 41.48 15.11 36.58
C PHE B 57 42.28 16.05 35.65
N SER B 58 42.93 17.10 36.20
CA SER B 58 44.00 17.85 35.53
C SER B 58 45.22 16.97 35.15
N LYS B 59 45.89 16.27 36.08
CA LYS B 59 47.02 15.37 35.79
C LYS B 59 46.69 14.22 34.82
N LEU B 60 45.46 13.69 34.78
CA LEU B 60 44.98 12.82 33.70
C LEU B 60 45.01 13.54 32.34
N ARG B 61 44.25 14.62 32.16
CA ARG B 61 44.18 15.38 30.89
C ARG B 61 45.50 16.10 30.47
N GLU B 62 46.46 16.27 31.40
CA GLU B 62 47.77 16.88 31.18
C GLU B 62 48.94 15.88 31.22
N GLN B 63 48.69 14.58 31.48
CA GLN B 63 49.59 13.45 31.22
C GLN B 63 49.14 12.76 29.92
N LEU B 64 47.83 12.46 29.82
CA LEU B 64 47.10 12.16 28.58
C LEU B 64 46.78 13.49 27.84
N GLY B 65 47.79 14.36 27.76
CA GLY B 65 47.90 15.63 27.03
C GLY B 65 49.08 15.52 26.04
N PRO B 66 50.31 15.26 26.52
CA PRO B 66 51.44 14.74 25.72
C PRO B 66 51.42 13.21 25.46
N VAL B 67 50.44 12.46 25.98
CA VAL B 67 50.02 11.12 25.47
C VAL B 67 48.51 11.07 25.11
N THR B 68 47.96 12.27 24.90
CA THR B 68 47.14 12.63 23.72
C THR B 68 48.15 13.23 22.70
N GLN B 69 47.73 13.65 21.50
CA GLN B 69 48.53 14.41 20.52
C GLN B 69 49.62 13.63 19.78
N GLU B 70 50.40 12.83 20.51
CA GLU B 70 51.77 12.46 20.18
C GLU B 70 51.99 10.94 20.28
N PHE B 71 50.97 10.16 19.88
CA PHE B 71 50.81 8.75 20.28
C PHE B 71 50.27 7.73 19.26
N TRP B 72 49.29 8.02 18.37
CA TRP B 72 48.82 7.01 17.37
C TRP B 72 49.84 6.69 16.23
N ASP B 73 51.14 6.86 16.49
CA ASP B 73 52.29 6.57 15.63
C ASP B 73 52.87 5.17 15.95
N ASN B 74 53.14 4.84 17.24
CA ASN B 74 53.93 3.68 17.68
C ASN B 74 53.30 2.27 17.48
N LEU B 75 52.23 2.19 16.68
CA LEU B 75 51.28 1.08 16.63
C LEU B 75 50.71 0.69 15.25
N GLU B 76 50.86 1.55 14.22
CA GLU B 76 50.23 1.39 12.90
C GLU B 76 50.61 0.05 12.23
N LYS B 77 51.91 -0.28 12.36
CA LYS B 77 52.65 -1.44 11.86
C LYS B 77 51.97 -2.81 12.10
N GLU B 78 51.18 -2.93 13.18
CA GLU B 78 50.40 -4.12 13.53
C GLU B 78 49.25 -4.41 12.53
N THR B 79 48.68 -3.35 11.94
CA THR B 79 47.56 -3.41 10.97
C THR B 79 48.03 -3.16 9.53
N GLU B 80 49.22 -2.55 9.33
CA GLU B 80 49.99 -2.68 8.08
C GLU B 80 50.35 -4.16 7.81
N GLY B 81 50.63 -4.91 8.90
CA GLY B 81 50.21 -6.30 9.18
C GLY B 81 48.84 -6.72 8.63
N LEU B 82 47.73 -6.53 9.37
CA LEU B 82 46.35 -6.95 9.03
C LEU B 82 45.88 -6.86 7.55
N ARG B 83 46.21 -5.79 6.81
CA ARG B 83 45.93 -5.67 5.36
C ARG B 83 46.79 -6.62 4.48
N GLN B 84 48.04 -6.89 4.88
CA GLN B 84 48.90 -7.94 4.31
C GLN B 84 48.38 -9.33 4.73
N GLU B 85 48.03 -9.51 6.02
CA GLU B 85 47.47 -10.75 6.57
C GLU B 85 46.20 -11.18 5.81
N MET B 86 45.12 -10.38 5.86
CA MET B 86 43.84 -10.67 5.19
C MET B 86 43.87 -10.43 3.65
N SER B 87 45.04 -10.69 3.04
CA SER B 87 45.35 -10.86 1.63
C SER B 87 46.41 -11.95 1.34
N LYS B 88 47.12 -12.47 2.35
CA LYS B 88 48.16 -13.51 2.25
C LYS B 88 47.89 -14.76 3.13
N ASP B 89 46.84 -14.77 3.96
CA ASP B 89 46.41 -15.83 4.90
C ASP B 89 46.15 -17.26 4.33
N LEU B 90 46.42 -17.42 3.03
CA LEU B 90 46.57 -18.61 2.18
C LEU B 90 46.92 -19.95 2.85
N GLU B 91 48.06 -19.95 3.56
CA GLU B 91 48.93 -21.13 3.66
C GLU B 91 48.48 -22.15 4.74
N GLU B 92 47.68 -21.72 5.71
CA GLU B 92 46.90 -22.55 6.65
C GLU B 92 45.89 -23.45 5.90
N VAL B 93 45.19 -22.85 4.93
CA VAL B 93 43.79 -23.12 4.61
C VAL B 93 43.61 -24.30 3.64
N LYS B 94 44.36 -24.30 2.54
CA LYS B 94 44.37 -25.33 1.50
C LYS B 94 45.13 -26.63 1.89
N ALA B 95 45.57 -26.70 3.16
CA ALA B 95 46.12 -27.87 3.84
C ALA B 95 45.20 -28.33 5.00
N LYS B 96 44.69 -27.35 5.76
CA LYS B 96 43.69 -27.47 6.85
C LYS B 96 42.44 -28.32 6.55
N VAL B 97 41.72 -28.01 5.45
CA VAL B 97 40.39 -28.56 5.18
C VAL B 97 40.37 -30.07 4.90
N GLN B 98 41.18 -30.53 3.94
CA GLN B 98 41.21 -31.89 3.38
C GLN B 98 40.99 -33.11 4.31
N PRO B 99 41.69 -33.24 5.47
CA PRO B 99 41.45 -34.35 6.40
C PRO B 99 40.13 -34.30 7.18
N TYR B 100 39.61 -33.12 7.57
CA TYR B 100 38.38 -33.03 8.39
C TYR B 100 37.09 -33.41 7.64
N LEU B 101 37.12 -33.35 6.29
CA LEU B 101 36.07 -33.78 5.36
C LEU B 101 35.55 -35.22 5.61
N ASP B 102 36.43 -36.10 6.12
CA ASP B 102 36.17 -37.49 6.47
C ASP B 102 35.16 -37.67 7.64
N ASP B 103 35.20 -36.80 8.68
CA ASP B 103 34.20 -36.80 9.77
C ASP B 103 32.95 -35.93 9.42
N PHE B 104 33.03 -35.02 8.44
CA PHE B 104 31.91 -34.20 7.97
C PHE B 104 30.76 -35.05 7.33
N GLN B 105 31.10 -36.22 6.77
CA GLN B 105 30.22 -37.35 6.44
C GLN B 105 29.35 -37.82 7.64
N LYS B 106 30.01 -38.27 8.72
CA LYS B 106 29.41 -38.74 9.98
C LYS B 106 29.00 -37.55 10.88
N LYS B 107 28.31 -36.60 10.25
CA LYS B 107 27.67 -35.43 10.84
C LYS B 107 26.51 -34.90 9.98
N TRP B 108 26.59 -35.02 8.65
CA TRP B 108 25.39 -34.96 7.79
C TRP B 108 24.38 -36.08 8.15
N GLN B 109 24.90 -37.26 8.51
CA GLN B 109 24.16 -38.40 9.06
C GLN B 109 23.83 -38.31 10.57
N GLU B 110 24.23 -37.22 11.27
CA GLU B 110 23.64 -36.79 12.54
C GLU B 110 22.50 -35.80 12.22
N GLU B 111 22.81 -34.73 11.46
CA GLU B 111 21.91 -33.63 11.16
C GLU B 111 20.66 -34.02 10.33
N MET B 112 20.80 -34.82 9.27
CA MET B 112 19.70 -35.10 8.33
C MET B 112 18.92 -36.41 8.60
N GLU B 113 19.57 -37.46 9.14
CA GLU B 113 18.90 -38.72 9.50
C GLU B 113 17.89 -38.51 10.65
N LEU B 114 18.34 -37.84 11.73
CA LEU B 114 17.52 -37.51 12.90
C LEU B 114 16.49 -36.40 12.63
N TYR B 115 16.62 -35.66 11.52
CA TYR B 115 15.65 -34.64 11.10
C TYR B 115 14.39 -35.30 10.49
N ARG B 116 14.52 -36.10 9.41
CA ARG B 116 13.39 -36.79 8.78
C ARG B 116 12.71 -37.86 9.68
N GLN B 117 13.49 -38.42 10.63
CA GLN B 117 13.04 -39.29 11.73
C GLN B 117 11.92 -38.64 12.57
N LYS B 118 11.98 -37.30 12.73
CA LYS B 118 10.91 -36.48 13.28
C LYS B 118 10.02 -35.87 12.18
N VAL B 119 10.59 -35.14 11.21
CA VAL B 119 9.87 -34.31 10.22
C VAL B 119 8.84 -35.04 9.31
N GLU B 120 8.94 -36.38 9.13
CA GLU B 120 7.83 -37.19 8.59
C GLU B 120 6.64 -37.29 9.60
N PRO B 121 6.75 -37.94 10.78
CA PRO B 121 5.70 -37.98 11.81
C PRO B 121 5.36 -36.65 12.54
N LEU B 122 6.14 -35.58 12.34
CA LEU B 122 5.85 -34.18 12.70
C LEU B 122 4.61 -33.63 11.96
N ARG B 123 4.30 -34.22 10.81
CA ARG B 123 3.27 -33.76 9.87
C ARG B 123 2.34 -34.87 9.36
N ALA B 124 2.55 -36.13 9.77
CA ALA B 124 1.73 -37.29 9.38
C ALA B 124 0.30 -37.28 9.97
N GLU B 125 0.05 -36.48 11.02
CA GLU B 125 -1.28 -36.22 11.58
C GLU B 125 -2.00 -35.14 10.76
N LEU B 126 -1.38 -33.96 10.63
CA LEU B 126 -1.97 -32.74 10.06
C LEU B 126 -1.83 -32.59 8.53
N GLN B 127 -1.11 -33.48 7.81
CA GLN B 127 -1.25 -33.58 6.34
C GLN B 127 -2.56 -34.29 5.96
N GLU B 128 -3.00 -35.25 6.79
CA GLU B 128 -4.24 -36.01 6.65
C GLU B 128 -5.39 -35.21 7.29
N GLY B 129 -5.12 -34.55 8.44
CA GLY B 129 -6.04 -33.76 9.25
C GLY B 129 -6.10 -32.27 8.88
N ALA B 130 -5.44 -31.89 7.78
CA ALA B 130 -5.75 -30.70 6.97
C ALA B 130 -7.21 -30.72 6.45
N ARG B 131 -7.77 -31.93 6.25
CA ARG B 131 -9.18 -32.17 5.89
C ARG B 131 -10.17 -32.04 7.06
N GLN B 132 -9.73 -31.68 8.28
CA GLN B 132 -10.56 -31.02 9.29
C GLN B 132 -10.64 -29.51 8.94
N LYS B 133 -9.48 -28.86 8.79
CA LYS B 133 -9.31 -27.45 8.44
C LYS B 133 -9.99 -27.01 7.13
N LEU B 134 -10.10 -27.91 6.14
CA LEU B 134 -10.89 -27.68 4.94
C LEU B 134 -12.42 -27.63 5.17
N HIS B 135 -12.99 -28.14 6.27
CA HIS B 135 -14.40 -27.88 6.66
C HIS B 135 -14.57 -26.56 7.43
N GLU B 136 -13.45 -25.95 7.86
CA GLU B 136 -13.37 -24.62 8.46
C GLU B 136 -13.02 -23.55 7.39
N LEU B 137 -12.97 -23.94 6.10
CA LEU B 137 -12.58 -23.12 4.94
C LEU B 137 -13.46 -23.31 3.67
N GLN B 138 -13.64 -24.54 3.15
CA GLN B 138 -14.38 -24.83 1.90
C GLN B 138 -15.90 -24.52 2.02
N GLU B 139 -16.49 -24.85 3.19
CA GLU B 139 -17.82 -24.46 3.63
C GLU B 139 -17.93 -22.97 4.04
N LYS B 140 -16.84 -22.20 3.94
CA LYS B 140 -16.69 -20.80 4.36
C LYS B 140 -16.25 -19.88 3.21
N LEU B 141 -15.87 -20.47 2.06
CA LEU B 141 -15.76 -19.84 0.76
C LEU B 141 -17.11 -19.40 0.14
N SER B 142 -18.25 -19.74 0.76
CA SER B 142 -19.53 -19.05 0.55
C SER B 142 -19.60 -17.64 1.21
N PRO B 143 -19.47 -17.42 2.54
CA PRO B 143 -19.35 -16.07 3.14
C PRO B 143 -18.02 -15.32 2.93
N LEU B 144 -16.92 -15.97 2.50
CA LEU B 144 -15.71 -15.27 2.01
C LEU B 144 -15.79 -14.97 0.48
N GLY B 145 -16.59 -15.72 -0.28
CA GLY B 145 -16.58 -15.74 -1.75
C GLY B 145 -17.94 -15.49 -2.43
N GLU B 146 -18.86 -16.47 -2.39
CA GLU B 146 -20.22 -16.50 -3.03
C GLU B 146 -21.11 -15.23 -2.90
N GLU B 147 -20.84 -14.36 -1.93
CA GLU B 147 -21.50 -13.07 -1.72
C GLU B 147 -20.55 -11.85 -1.60
N MET B 148 -19.23 -12.11 -1.76
CA MET B 148 -18.16 -11.15 -2.06
C MET B 148 -18.06 -10.96 -3.60
N ARG B 149 -18.34 -12.04 -4.35
CA ARG B 149 -18.81 -12.12 -5.74
C ARG B 149 -19.93 -11.12 -6.06
N ASP B 150 -21.06 -11.25 -5.34
CA ASP B 150 -22.26 -10.43 -5.49
C ASP B 150 -22.02 -8.95 -5.09
N ARG B 151 -21.01 -8.69 -4.25
CA ARG B 151 -20.43 -7.37 -3.97
C ARG B 151 -19.77 -6.67 -5.18
N ALA B 152 -19.37 -7.40 -6.24
CA ALA B 152 -18.93 -6.80 -7.51
C ALA B 152 -20.04 -5.96 -8.18
N ARG B 153 -21.29 -6.44 -8.05
CA ARG B 153 -22.49 -5.69 -8.39
C ARG B 153 -22.86 -4.70 -7.26
N ALA B 154 -22.81 -5.07 -5.96
CA ALA B 154 -23.12 -4.12 -4.85
C ALA B 154 -22.23 -2.85 -4.82
N HIS B 155 -20.99 -2.92 -5.32
CA HIS B 155 -20.14 -1.77 -5.64
C HIS B 155 -20.74 -0.90 -6.79
N VAL B 156 -21.07 -1.52 -7.93
CA VAL B 156 -21.41 -0.92 -9.22
C VAL B 156 -22.27 -1.88 -10.09
N ASP B 157 -23.60 -1.87 -10.07
CA ASP B 157 -24.51 -1.15 -9.18
C ASP B 157 -25.52 -2.12 -8.53
N ALA B 158 -25.84 -1.89 -7.25
CA ALA B 158 -26.95 -2.43 -6.48
C ALA B 158 -28.30 -1.86 -7.01
N LEU B 159 -28.61 -2.25 -8.26
CA LEU B 159 -29.45 -1.63 -9.29
C LEU B 159 -30.41 -0.50 -8.89
N ARG B 160 -30.19 0.74 -9.36
CA ARG B 160 -31.14 1.87 -9.32
C ARG B 160 -32.51 1.68 -10.02
N THR B 161 -33.24 0.64 -9.59
CA THR B 161 -34.66 0.39 -9.81
C THR B 161 -35.43 1.03 -8.64
N HIS B 162 -36.46 1.83 -8.95
CA HIS B 162 -37.33 2.49 -7.98
C HIS B 162 -38.60 1.64 -7.74
N LEU B 163 -39.24 1.79 -6.56
CA LEU B 163 -40.49 1.10 -6.20
C LEU B 163 -41.75 1.75 -6.85
N ALA B 164 -41.60 2.93 -7.47
CA ALA B 164 -42.57 3.64 -8.29
C ALA B 164 -41.84 4.50 -9.34
N PRO B 165 -42.38 4.69 -10.57
CA PRO B 165 -41.80 5.58 -11.61
C PRO B 165 -41.52 7.03 -11.15
N TYR B 166 -42.42 7.59 -10.34
CA TYR B 166 -42.35 8.93 -9.72
C TYR B 166 -41.16 9.02 -8.73
N SER B 167 -40.00 9.48 -9.20
CA SER B 167 -38.71 9.32 -8.52
C SER B 167 -37.67 10.32 -9.02
N ASP B 168 -37.05 10.02 -10.16
CA ASP B 168 -36.06 10.86 -10.84
C ASP B 168 -36.72 12.13 -11.45
N GLU B 169 -36.13 13.30 -11.20
CA GLU B 169 -36.32 14.52 -11.99
C GLU B 169 -35.22 14.51 -13.07
N LEU B 170 -35.63 14.21 -14.31
CA LEU B 170 -34.79 14.04 -15.49
C LEU B 170 -35.29 14.90 -16.65
N ARG B 171 -34.37 15.45 -17.45
CA ARG B 171 -34.66 16.09 -18.74
C ARG B 171 -33.43 16.01 -19.65
N GLN B 172 -33.70 15.93 -20.95
CA GLN B 172 -32.83 15.98 -22.15
C GLN B 172 -31.60 16.90 -22.12
N ARG B 173 -30.62 16.69 -23.01
CA ARG B 173 -29.48 17.62 -23.18
C ARG B 173 -29.92 19.06 -23.57
N LEU B 174 -30.74 19.30 -24.61
CA LEU B 174 -30.88 18.48 -25.84
C LEU B 174 -29.91 18.98 -26.92
N ALA B 175 -29.49 20.25 -26.81
CA ALA B 175 -28.99 21.06 -27.91
C ALA B 175 -27.51 20.83 -28.29
N ALA B 176 -27.21 21.14 -29.56
CA ALA B 176 -25.91 21.36 -30.20
C ALA B 176 -25.45 20.22 -31.11
N ARG B 177 -24.79 19.20 -30.55
CA ARG B 177 -24.13 18.09 -31.26
C ARG B 177 -25.10 17.24 -32.13
N LEU B 178 -26.34 17.10 -31.66
CA LEU B 178 -27.38 16.27 -32.26
C LEU B 178 -28.06 16.99 -33.44
N GLU B 179 -28.43 18.29 -33.31
CA GLU B 179 -28.98 19.07 -34.43
C GLU B 179 -27.94 19.34 -35.53
N ALA B 180 -26.66 19.57 -35.15
CA ALA B 180 -25.54 19.82 -36.06
C ALA B 180 -25.30 18.68 -37.07
N LEU B 181 -25.39 17.41 -36.62
CA LEU B 181 -25.34 16.24 -37.51
C LEU B 181 -26.71 15.97 -38.17
N LYS B 182 -27.85 16.30 -37.54
CA LYS B 182 -29.18 16.17 -38.17
C LYS B 182 -29.40 17.13 -39.38
N GLU B 183 -28.75 18.30 -39.42
CA GLU B 183 -28.79 19.22 -40.58
C GLU B 183 -27.71 18.95 -41.65
N ASN B 184 -26.42 18.89 -41.30
CA ASN B 184 -25.31 18.64 -42.26
C ASN B 184 -24.96 17.16 -42.46
N GLY B 185 -25.72 16.26 -41.84
CA GLY B 185 -25.84 14.85 -42.21
C GLY B 185 -27.14 14.68 -42.99
N GLY B 186 -28.28 15.19 -42.50
CA GLY B 186 -29.55 15.48 -43.22
C GLY B 186 -29.48 15.81 -44.72
N ALA B 187 -28.91 16.98 -45.06
CA ALA B 187 -28.76 17.45 -46.44
C ALA B 187 -27.72 16.64 -47.27
N ARG B 188 -26.78 15.98 -46.58
CA ARG B 188 -25.75 15.12 -47.16
C ARG B 188 -26.30 13.69 -47.42
N LEU B 189 -27.23 13.20 -46.60
CA LEU B 189 -28.11 12.05 -46.81
C LEU B 189 -29.06 12.25 -48.02
N ALA B 190 -29.59 13.48 -48.22
CA ALA B 190 -30.35 13.86 -49.42
C ALA B 190 -29.50 13.87 -50.71
N GLU B 191 -28.24 14.35 -50.65
CA GLU B 191 -27.30 14.26 -51.77
C GLU B 191 -26.66 12.86 -51.92
N TYR B 192 -26.58 12.04 -50.86
CA TYR B 192 -26.25 10.60 -50.95
C TYR B 192 -27.33 9.84 -51.74
N HIS B 193 -28.62 10.17 -51.53
CA HIS B 193 -29.74 9.83 -52.41
C HIS B 193 -29.57 10.31 -53.86
N ALA B 194 -29.16 11.57 -54.10
CA ALA B 194 -28.92 12.11 -55.44
C ALA B 194 -27.72 11.45 -56.16
N LYS B 195 -26.58 11.28 -55.45
CA LYS B 195 -25.41 10.55 -55.93
C LYS B 195 -25.67 9.03 -56.10
N ALA B 196 -26.54 8.41 -55.29
CA ALA B 196 -27.10 7.08 -55.56
C ALA B 196 -27.96 7.07 -56.84
N THR B 197 -29.02 7.90 -56.93
CA THR B 197 -29.88 8.07 -58.12
C THR B 197 -29.09 8.36 -59.42
N GLU B 198 -28.03 9.18 -59.34
CA GLU B 198 -27.07 9.39 -60.42
C GLU B 198 -26.18 8.14 -60.66
N HIS B 199 -25.33 7.75 -59.69
CA HIS B 199 -24.29 6.72 -59.85
C HIS B 199 -24.86 5.34 -60.20
N LEU B 200 -26.04 5.00 -59.70
CA LEU B 200 -26.69 3.73 -59.98
C LEU B 200 -27.49 3.77 -61.32
N SER B 201 -27.83 4.97 -61.85
CA SER B 201 -28.37 5.13 -63.22
C SER B 201 -27.32 4.97 -64.33
N THR B 202 -26.08 5.43 -64.07
CA THR B 202 -24.92 5.37 -65.00
C THR B 202 -24.59 3.95 -65.50
N LEU B 203 -24.91 2.95 -64.67
CA LEU B 203 -24.64 1.52 -64.83
C LEU B 203 -25.69 0.83 -65.72
N SER B 204 -26.90 1.40 -65.87
CA SER B 204 -27.96 0.82 -66.71
C SER B 204 -27.87 1.26 -68.18
N GLU B 205 -27.12 2.33 -68.45
CA GLU B 205 -26.69 2.75 -69.79
C GLU B 205 -25.94 1.62 -70.55
N LYS B 206 -25.27 0.73 -69.79
CA LYS B 206 -24.61 -0.50 -70.22
C LYS B 206 -25.17 -1.74 -69.51
N ALA B 207 -26.50 -1.76 -69.29
CA ALA B 207 -27.28 -2.96 -68.96
C ALA B 207 -27.54 -3.82 -70.21
N LYS B 208 -28.80 -4.28 -70.39
CA LYS B 208 -29.31 -5.33 -71.28
C LYS B 208 -29.07 -6.71 -70.58
N PRO B 209 -29.57 -7.88 -71.03
CA PRO B 209 -30.49 -8.17 -72.15
C PRO B 209 -31.95 -8.02 -71.61
N ALA B 210 -32.99 -8.74 -72.08
CA ALA B 210 -33.22 -9.47 -73.34
C ALA B 210 -34.53 -9.01 -74.02
N LEU B 211 -35.24 -8.08 -73.37
CA LEU B 211 -36.55 -7.45 -73.64
C LEU B 211 -37.74 -8.03 -72.84
N GLU B 212 -37.69 -9.31 -72.43
CA GLU B 212 -38.59 -9.88 -71.40
C GLU B 212 -38.03 -9.67 -69.97
N ASP B 213 -36.69 -9.56 -69.85
CA ASP B 213 -35.88 -9.48 -68.63
C ASP B 213 -36.22 -8.30 -67.69
N LEU B 214 -36.81 -7.22 -68.21
CA LEU B 214 -37.22 -6.07 -67.40
C LEU B 214 -38.68 -6.16 -66.87
N ARG B 215 -39.69 -6.55 -67.66
CA ARG B 215 -41.09 -6.36 -67.26
C ARG B 215 -41.68 -7.46 -66.34
N GLN B 216 -40.86 -8.31 -65.69
CA GLN B 216 -41.31 -9.29 -64.69
C GLN B 216 -41.24 -8.74 -63.25
N GLY B 217 -40.28 -7.86 -62.92
CA GLY B 217 -39.94 -7.52 -61.53
C GLY B 217 -40.60 -6.24 -61.00
N LEU B 218 -41.41 -5.60 -61.85
CA LEU B 218 -42.25 -4.42 -61.60
C LEU B 218 -43.21 -4.60 -60.41
N LEU B 219 -44.26 -5.43 -60.60
CA LEU B 219 -45.37 -5.68 -59.67
C LEU B 219 -45.12 -5.86 -58.15
N PRO B 220 -44.07 -6.54 -57.62
CA PRO B 220 -43.81 -6.55 -56.17
C PRO B 220 -43.38 -5.17 -55.61
N VAL B 221 -42.56 -4.44 -56.37
CA VAL B 221 -42.14 -3.07 -56.05
C VAL B 221 -43.26 -2.04 -56.39
N LEU B 222 -44.14 -2.31 -57.37
CA LEU B 222 -45.28 -1.46 -57.74
C LEU B 222 -46.58 -1.71 -56.91
N GLU B 223 -46.76 -2.87 -56.26
CA GLU B 223 -47.93 -3.19 -55.42
C GLU B 223 -47.73 -2.72 -53.96
N SER B 224 -46.53 -2.90 -53.39
CA SER B 224 -46.08 -2.30 -52.11
C SER B 224 -46.22 -0.76 -52.09
N PHE B 225 -45.68 -0.14 -53.14
CA PHE B 225 -45.91 1.20 -53.69
C PHE B 225 -47.38 1.68 -53.70
N LYS B 226 -48.30 0.85 -54.20
CA LYS B 226 -49.71 1.22 -54.42
C LYS B 226 -50.53 1.31 -53.11
N VAL B 227 -50.20 0.51 -52.08
CA VAL B 227 -50.94 0.53 -50.81
C VAL B 227 -50.40 1.61 -49.84
N SER B 228 -49.11 2.04 -49.98
CA SER B 228 -48.39 3.06 -49.19
C SER B 228 -49.10 4.41 -48.88
N PHE B 229 -50.11 4.79 -49.67
CA PHE B 229 -50.94 5.99 -49.51
C PHE B 229 -52.06 5.81 -48.46
N LEU B 230 -52.15 4.62 -47.83
CA LEU B 230 -53.10 4.23 -46.79
C LEU B 230 -53.09 5.09 -45.52
N SER B 231 -52.00 5.84 -45.28
CA SER B 231 -51.68 6.68 -44.10
C SER B 231 -52.84 7.51 -43.54
N ALA B 232 -53.61 8.16 -44.43
CA ALA B 232 -54.93 8.81 -44.24
C ALA B 232 -54.88 10.05 -43.32
N LEU B 233 -54.57 9.87 -42.03
CA LEU B 233 -54.12 10.86 -41.03
C LEU B 233 -55.05 11.36 -39.88
N GLU B 234 -56.39 11.38 -39.92
CA GLU B 234 -57.33 11.29 -41.05
C GLU B 234 -57.50 12.71 -41.62
N GLU B 235 -56.60 13.08 -42.56
CA GLU B 235 -56.39 14.45 -43.05
C GLU B 235 -56.10 14.51 -44.57
N TYR B 236 -55.39 13.52 -45.12
CA TYR B 236 -55.26 13.18 -46.55
C TYR B 236 -54.39 14.14 -47.40
N THR B 237 -53.64 15.06 -46.77
CA THR B 237 -52.84 16.10 -47.44
C THR B 237 -51.44 16.35 -46.80
N LYS B 238 -51.26 15.93 -45.54
CA LYS B 238 -50.01 15.59 -44.84
C LYS B 238 -49.18 16.80 -44.36
N LYS B 239 -49.11 17.86 -45.18
CA LYS B 239 -48.45 19.16 -44.98
C LYS B 239 -46.92 19.12 -45.18
N LEU B 240 -46.30 18.01 -44.78
CA LEU B 240 -45.11 17.43 -45.41
C LEU B 240 -45.64 16.41 -46.45
N ASN B 241 -45.69 16.76 -47.75
CA ASN B 241 -46.02 15.79 -48.82
C ASN B 241 -44.80 14.90 -49.21
N THR B 242 -43.78 14.91 -48.33
CA THR B 242 -42.81 13.86 -48.06
C THR B 242 -43.45 12.84 -47.07
N GLN B 243 -44.72 12.49 -47.27
CA GLN B 243 -45.56 11.61 -46.44
C GLN B 243 -46.86 11.25 -47.20
#